data_8T2S
#
_entry.id   8T2S
#
_cell.length_a   1.00
_cell.length_b   1.00
_cell.length_c   1.00
_cell.angle_alpha   90.00
_cell.angle_beta   90.00
_cell.angle_gamma   90.00
#
_symmetry.space_group_name_H-M   'P 1'
#
loop_
_entity.id
_entity.type
_entity.pdbx_description
1 polymer 'Group II intron reverse transcriptase/maturase'
2 polymer 'RNA (551-MER)'
3 non-polymer 'CALCIUM ION'
4 non-polymer 'AMMONIUM ION'
#
loop_
_entity_poly.entity_id
_entity_poly.type
_entity_poly.pdbx_seq_one_letter_code
_entity_poly.pdbx_strand_id
1 'polypeptide(L)'
;MDTSNLMEQILSSDNLNRAYLQVVRNKGAEGVDGMKYTELKEHLAKNGETIKGQLRTRKYKPQPARRVEIPKPDGGVRNL
GVPTVTDRFIQQAIAQVLTPIYEEQFHDHSYGFRPNRCAQQAILTALNIMNDGNDWIVDIDLEKFFDTVNHDKLMTLIGR
TIKDGDVISIVRKYLVSGIMIDDEYEDSIVGTPQGGNLSPLLANIMLNELDKEMEKRGLNFVRYADDCIIMVGSEMSANR
VMRNISRFIEEKLGLKVNMTKSKVDRPSGLKYLGFGFYFDPRAHQFKAKPHAKSVAKFKKRMKELTCRSWGVSNSYKVEK
LNQLIRGWINYFKIGSMKTLCKELDSRIRYRLRMCIWKQWKTPQNQEKNLVKLGIDRNTARRVAYTGKRIAYVCNKGAVN
VAISNKRLASFGLISMLDYYIEKCVTC
;
D
2 'polyribonucleotide'
;GAGCUCAUUUCUUUGUUUGCGCGCCAUGGGCGCGCUCUAACGGGUGUAAGUCCCGAACAUGCCCAGGUAGUGGGAAAUGU
AUAGCCGAACAGCAAGGGUGUCUACUGUGAGGUGGAAUCUGAAGGAAGCUGUAAGCGAAUCUCUGGUCCGACGGACAGAA
AUCGCAUAUAAGGCUAGGCUUCGAGUGAUAAGCUGGCAAAGAACAGUGAAGUCUAAUAACUACCACGUUUGUAGAAGCAG
AGUAAAUGCGGCGGAUAUAUGGAGAGAAAGAGCGUGCACCUUAAGCGUGGAGGUCUCACAGAGGUUUCAUUAGCCUAGUA
ACAACGAACUGUGAGAAGUCAGCCGAGCCCAUAGUAGUGAAGAAGUCUCUGUAAUGGGGAUGGAGCGAAGGGGCGAACAA
UCAAUCAGUUUGAGAAUGUCUCGUAUUGCAGAAAUGACAACAUCUGCCGUAACCAAUCGGGUAAAAGGUGGUCAAAUCAA
GCGAGACGGAAAGGAAAGAACGCAUGGACACAAGUAAUCUAAUUUCGGUUAGAUUACUACAUCGAAAAGUGUGUUACUUG
UUAAAUUGAUUGAACCGCCGUAUACGGAACCGUACGUACGGUGGUGUGAGAGGUCGGAAUUUCUCAAUUAAGAGAAAUUC
UUCCUACUCGAU
;
B
#
loop_
_chem_comp.id
_chem_comp.type
_chem_comp.name
_chem_comp.formula
A RNA linking ADENOSINE-5'-MONOPHOSPHATE 'C10 H14 N5 O7 P'
C RNA linking CYTIDINE-5'-MONOPHOSPHATE 'C9 H14 N3 O8 P'
CA non-polymer 'CALCIUM ION' 'Ca 2'
G RNA linking GUANOSINE-5'-MONOPHOSPHATE 'C10 H14 N5 O8 P'
NH4 non-polymer 'AMMONIUM ION' 'H4 N 1'
U RNA linking URIDINE-5'-MONOPHOSPHATE 'C9 H13 N2 O9 P'
#
# COMPACT_ATOMS: atom_id res chain seq x y z
N SER A 4 36.46 6.20 -2.02
CA SER A 4 35.58 7.33 -2.23
C SER A 4 35.27 7.52 -3.71
N ASN A 5 35.54 6.48 -4.50
CA ASN A 5 35.21 6.53 -5.92
C ASN A 5 33.72 6.32 -6.16
N LEU A 6 33.01 5.76 -5.17
CA LEU A 6 31.55 5.65 -5.24
C LEU A 6 30.88 7.00 -5.16
N MET A 7 31.55 7.97 -4.52
CA MET A 7 30.98 9.30 -4.31
C MET A 7 30.80 10.01 -5.65
N GLU A 8 31.67 9.69 -6.63
CA GLU A 8 31.53 10.24 -7.98
C GLU A 8 30.28 9.70 -8.67
N GLN A 9 29.99 8.40 -8.51
CA GLN A 9 28.77 7.84 -9.10
C GLN A 9 27.52 8.32 -8.37
N ILE A 10 27.66 8.69 -7.08
CA ILE A 10 26.57 9.32 -6.36
C ILE A 10 26.27 10.70 -6.96
N LEU A 11 27.33 11.47 -7.23
CA LEU A 11 27.19 12.83 -7.75
C LEU A 11 27.54 12.95 -9.22
N SER A 12 27.26 11.92 -10.02
CA SER A 12 27.34 12.04 -11.47
C SER A 12 26.04 12.64 -12.00
N SER A 13 26.19 13.63 -12.91
CA SER A 13 25.10 14.56 -13.23
C SER A 13 23.93 13.90 -13.95
N ASP A 14 24.18 12.79 -14.67
CA ASP A 14 23.07 12.05 -15.26
C ASP A 14 22.20 11.42 -14.18
N ASN A 15 22.82 10.90 -13.12
CA ASN A 15 22.05 10.39 -11.98
C ASN A 15 21.33 11.52 -11.26
N LEU A 16 21.91 12.72 -11.26
CA LEU A 16 21.25 13.87 -10.64
C LEU A 16 20.00 14.28 -11.42
N ASN A 17 20.09 14.26 -12.76
CA ASN A 17 18.93 14.60 -13.57
C ASN A 17 17.88 13.49 -13.52
N ARG A 18 18.32 12.24 -13.35
CA ARG A 18 17.36 11.15 -13.16
C ARG A 18 16.66 11.25 -11.81
N ALA A 19 17.40 11.66 -10.78
CA ALA A 19 16.78 11.92 -9.47
C ALA A 19 15.82 13.09 -9.54
N TYR A 20 16.15 14.12 -10.31
CA TYR A 20 15.23 15.24 -10.51
C TYR A 20 13.97 14.81 -11.25
N LEU A 21 14.13 13.92 -12.25
CA LEU A 21 12.97 13.39 -12.96
C LEU A 21 12.09 12.55 -12.04
N GLN A 22 12.71 11.74 -11.17
CA GLN A 22 11.96 10.97 -10.19
C GLN A 22 11.25 11.87 -9.19
N VAL A 23 11.86 13.00 -8.86
CA VAL A 23 11.22 13.98 -7.98
C VAL A 23 10.01 14.62 -8.65
N VAL A 24 10.15 15.07 -9.90
CA VAL A 24 9.07 15.83 -10.52
C VAL A 24 7.95 14.91 -10.98
N ARG A 25 8.26 13.62 -11.19
CA ARG A 25 7.19 12.65 -11.42
C ARG A 25 6.58 12.19 -10.09
N ASN A 26 7.36 12.29 -9.00
CA ASN A 26 6.82 11.97 -7.68
C ASN A 26 5.85 13.04 -7.21
N LYS A 27 6.09 14.30 -7.59
CA LYS A 27 5.29 15.48 -7.22
C LYS A 27 5.20 15.63 -5.70
N GLY A 28 6.35 15.86 -5.09
CA GLY A 28 6.46 15.93 -3.65
C GLY A 28 5.90 17.21 -3.04
N ALA A 29 6.03 17.34 -1.72
CA ALA A 29 5.50 18.49 -1.01
C ALA A 29 6.62 19.23 -0.30
N GLU A 30 6.40 20.51 -0.08
CA GLU A 30 7.36 21.35 0.62
C GLU A 30 7.33 21.07 2.11
N GLY A 31 8.40 21.46 2.79
CA GLY A 31 8.53 21.30 4.22
C GLY A 31 8.17 22.57 4.97
N VAL A 32 8.79 22.75 6.14
CA VAL A 32 8.58 23.96 6.92
C VAL A 32 9.22 25.16 6.25
N ASP A 33 10.34 24.96 5.55
CA ASP A 33 11.04 26.06 4.88
C ASP A 33 10.24 26.62 3.72
N GLY A 34 9.54 25.77 2.99
CA GLY A 34 8.66 26.22 1.93
C GLY A 34 9.33 26.30 0.57
N MET A 35 9.97 25.21 0.15
CA MET A 35 10.62 25.15 -1.15
C MET A 35 9.98 24.02 -1.94
N LYS A 36 9.53 24.34 -3.16
CA LYS A 36 8.68 23.47 -3.95
C LYS A 36 9.51 22.70 -4.97
N TYR A 37 8.86 21.72 -5.62
CA TYR A 37 9.57 20.88 -6.60
C TYR A 37 9.77 21.61 -7.91
N THR A 38 9.03 22.70 -8.14
CA THR A 38 9.19 23.49 -9.35
C THR A 38 10.54 24.22 -9.36
N GLU A 39 11.00 24.66 -8.19
CA GLU A 39 11.97 25.75 -8.14
C GLU A 39 13.42 25.29 -8.23
N LEU A 40 13.67 23.98 -8.28
CA LEU A 40 15.07 23.54 -8.19
C LEU A 40 15.76 23.54 -9.55
N LYS A 41 15.09 23.99 -10.61
CA LYS A 41 15.78 24.08 -11.90
C LYS A 41 16.80 25.21 -11.85
N GLU A 42 16.36 26.42 -11.50
CA GLU A 42 17.29 27.53 -11.36
C GLU A 42 18.11 27.42 -10.08
N HIS A 43 17.57 26.76 -9.04
CA HIS A 43 18.33 26.60 -7.81
C HIS A 43 19.46 25.59 -7.98
N LEU A 44 19.23 24.52 -8.74
CA LEU A 44 20.31 23.62 -9.12
C LEU A 44 21.23 24.27 -10.16
N ALA A 45 20.71 25.23 -10.92
CA ALA A 45 21.60 26.07 -11.70
C ALA A 45 22.39 27.02 -10.81
N LYS A 46 21.74 27.61 -9.81
CA LYS A 46 22.41 28.55 -8.91
C LYS A 46 23.32 27.84 -7.91
N ASN A 47 22.85 26.77 -7.29
CA ASN A 47 23.55 26.18 -6.16
C ASN A 47 24.02 24.75 -6.40
N GLY A 48 24.07 24.30 -7.66
CA GLY A 48 24.49 22.93 -7.93
C GLY A 48 25.95 22.67 -7.61
N GLU A 49 26.83 23.60 -8.01
CA GLU A 49 28.24 23.49 -7.65
C GLU A 49 28.42 23.65 -6.15
N THR A 50 27.57 24.48 -5.52
CA THR A 50 27.63 24.69 -4.09
C THR A 50 27.32 23.40 -3.32
N ILE A 51 26.23 22.72 -3.67
CA ILE A 51 25.88 21.49 -2.96
C ILE A 51 26.82 20.36 -3.34
N LYS A 52 27.35 20.36 -4.57
CA LYS A 52 28.29 19.33 -5.00
C LYS A 52 29.61 19.44 -4.23
N GLY A 53 30.14 20.66 -4.10
CA GLY A 53 31.33 20.89 -3.30
C GLY A 53 31.09 20.67 -1.83
N GLN A 54 29.89 21.01 -1.34
CA GLN A 54 29.56 20.82 0.06
C GLN A 54 29.45 19.34 0.43
N LEU A 55 28.91 18.52 -0.48
CA LEU A 55 28.89 17.08 -0.24
C LEU A 55 30.27 16.46 -0.40
N ARG A 56 31.07 16.97 -1.34
CA ARG A 56 32.41 16.40 -1.50
C ARG A 56 33.37 16.82 -0.39
N THR A 57 33.08 17.94 0.29
CA THR A 57 33.91 18.38 1.41
C THR A 57 33.28 18.14 2.77
N ARG A 58 32.17 17.38 2.81
CA ARG A 58 31.56 16.85 4.05
C ARG A 58 31.06 17.95 4.99
N LYS A 59 30.37 18.94 4.43
CA LYS A 59 29.76 19.99 5.23
C LYS A 59 28.43 20.39 4.61
N TYR A 60 27.34 19.82 5.09
CA TYR A 60 26.03 20.12 4.51
C TYR A 60 25.01 20.01 5.64
N LYS A 61 24.02 20.93 5.60
CA LYS A 61 23.04 21.24 6.64
C LYS A 61 21.77 20.41 6.50
N PRO A 62 21.16 20.00 7.61
CA PRO A 62 19.94 19.19 7.52
C PRO A 62 18.68 20.02 7.37
N GLN A 63 17.53 19.35 7.46
CA GLN A 63 16.23 19.97 7.54
C GLN A 63 15.43 19.32 8.65
N PRO A 64 14.65 20.08 9.43
CA PRO A 64 13.69 19.38 10.29
C PRO A 64 12.36 19.16 9.57
N GLY A 81 8.86 14.66 9.80
CA GLY A 81 7.84 15.08 8.85
C GLY A 81 8.29 14.97 7.41
N VAL A 82 7.90 15.93 6.61
CA VAL A 82 8.28 16.00 5.19
C VAL A 82 9.54 16.85 5.07
N PRO A 83 10.60 16.34 4.46
CA PRO A 83 11.79 17.18 4.25
C PRO A 83 11.60 18.08 3.03
N THR A 84 12.42 19.12 2.95
CA THR A 84 12.42 19.93 1.75
C THR A 84 13.04 19.16 0.59
N VAL A 85 12.73 19.63 -0.62
CA VAL A 85 12.87 18.82 -1.82
C VAL A 85 14.33 18.76 -2.26
N THR A 86 15.18 19.65 -1.75
CA THR A 86 16.61 19.52 -1.98
C THR A 86 17.18 18.30 -1.24
N ASP A 87 16.77 18.10 0.02
CA ASP A 87 17.23 16.95 0.79
C ASP A 87 16.57 15.66 0.28
N ARG A 88 15.30 15.74 -0.14
CA ARG A 88 14.64 14.63 -0.80
C ARG A 88 15.34 14.24 -2.10
N PHE A 89 15.80 15.25 -2.84
CA PHE A 89 16.41 15.03 -4.14
C PHE A 89 17.80 14.42 -3.99
N ILE A 90 18.55 14.88 -2.99
CA ILE A 90 19.87 14.28 -2.72
C ILE A 90 19.71 12.88 -2.13
N GLN A 91 18.66 12.67 -1.33
CA GLN A 91 18.35 11.34 -0.81
C GLN A 91 18.02 10.37 -1.93
N GLN A 92 17.25 10.83 -2.93
CA GLN A 92 16.96 10.00 -4.10
C GLN A 92 18.22 9.75 -4.92
N ALA A 93 19.08 10.76 -5.03
CA ALA A 93 20.31 10.63 -5.81
C ALA A 93 21.28 9.65 -5.17
N ILE A 94 21.27 9.54 -3.84
CA ILE A 94 22.16 8.57 -3.20
C ILE A 94 21.48 7.21 -3.07
N ALA A 95 20.14 7.17 -3.02
CA ALA A 95 19.43 5.90 -2.91
C ALA A 95 19.24 5.20 -4.24
N GLN A 96 19.42 5.88 -5.37
CA GLN A 96 19.35 5.22 -6.66
C GLN A 96 20.70 4.66 -7.10
N VAL A 97 21.77 4.91 -6.34
CA VAL A 97 23.04 4.26 -6.57
C VAL A 97 23.39 3.29 -5.43
N LEU A 98 22.94 3.57 -4.20
CA LEU A 98 23.13 2.63 -3.10
C LEU A 98 22.28 1.37 -3.23
N THR A 99 21.28 1.38 -4.10
CA THR A 99 20.38 0.23 -4.22
C THR A 99 20.92 -0.94 -5.05
N PRO A 100 21.55 -0.77 -6.25
CA PRO A 100 22.06 -1.98 -6.95
C PRO A 100 23.17 -2.72 -6.22
N ILE A 101 23.99 -2.01 -5.44
CA ILE A 101 25.05 -2.69 -4.70
C ILE A 101 24.47 -3.42 -3.49
N TYR A 102 23.31 -2.97 -3.01
CA TYR A 102 22.67 -3.65 -1.88
C TYR A 102 21.66 -4.69 -2.34
N GLU A 103 21.46 -4.83 -3.66
CA GLU A 103 20.49 -5.78 -4.16
C GLU A 103 21.05 -7.19 -4.22
N GLU A 104 22.38 -7.32 -4.31
CA GLU A 104 22.96 -8.66 -4.41
C GLU A 104 23.11 -9.30 -3.04
N GLN A 105 22.95 -8.51 -1.96
CA GLN A 105 23.03 -9.08 -0.63
C GLN A 105 21.66 -9.31 -0.01
N PHE A 106 20.61 -8.71 -0.57
CA PHE A 106 19.28 -8.82 0.01
C PHE A 106 18.70 -10.21 -0.23
N HIS A 107 17.86 -10.65 0.70
CA HIS A 107 17.29 -11.98 0.62
C HIS A 107 16.22 -12.04 -0.47
N ASP A 108 15.93 -13.26 -0.92
CA ASP A 108 14.93 -13.45 -1.97
C ASP A 108 13.51 -13.21 -1.46
N HIS A 109 13.26 -13.48 -0.18
CA HIS A 109 11.95 -13.29 0.41
C HIS A 109 11.82 -11.96 1.13
N SER A 110 12.52 -10.94 0.65
CA SER A 110 12.37 -9.56 1.13
C SER A 110 11.74 -8.75 0.02
N TYR A 111 10.54 -8.24 0.26
CA TYR A 111 9.73 -7.64 -0.79
C TYR A 111 9.40 -6.16 -0.53
N GLY A 112 10.04 -5.54 0.45
CA GLY A 112 9.65 -4.21 0.89
C GLY A 112 10.52 -3.12 0.30
N PHE A 113 9.90 -2.30 -0.57
CA PHE A 113 10.54 -1.17 -1.26
C PHE A 113 11.78 -1.60 -2.03
N ARG A 114 11.59 -2.53 -2.95
CA ARG A 114 12.61 -3.00 -3.87
C ARG A 114 12.09 -2.91 -5.30
N PRO A 115 12.96 -2.72 -6.29
CA PRO A 115 12.52 -2.76 -7.70
C PRO A 115 12.02 -4.13 -8.09
N ASN A 116 10.95 -4.15 -8.91
CA ASN A 116 10.30 -5.35 -9.44
C ASN A 116 9.79 -6.27 -8.35
N ARG A 117 9.38 -5.70 -7.21
CA ARG A 117 8.86 -6.49 -6.09
C ARG A 117 7.72 -5.73 -5.44
N CYS A 118 6.61 -6.42 -5.18
CA CYS A 118 5.43 -5.83 -4.59
C CYS A 118 4.90 -6.73 -3.49
N ALA A 119 3.76 -6.31 -2.91
CA ALA A 119 3.18 -7.05 -1.80
C ALA A 119 2.55 -8.36 -2.26
N GLN A 120 2.06 -8.40 -3.50
CA GLN A 120 1.42 -9.61 -4.02
C GLN A 120 2.40 -10.76 -4.16
N GLN A 121 3.67 -10.45 -4.46
CA GLN A 121 4.71 -11.47 -4.48
C GLN A 121 4.91 -12.07 -3.09
N ALA A 122 4.86 -11.22 -2.06
CA ALA A 122 4.98 -11.68 -0.68
C ALA A 122 3.81 -12.57 -0.29
N ILE A 123 2.60 -12.22 -0.74
CA ILE A 123 1.43 -13.05 -0.44
C ILE A 123 1.52 -14.40 -1.15
N LEU A 124 1.96 -14.41 -2.41
CA LEU A 124 2.08 -15.68 -3.13
C LEU A 124 3.16 -16.57 -2.55
N THR A 125 4.29 -15.98 -2.14
CA THR A 125 5.34 -16.77 -1.49
C THR A 125 4.88 -17.28 -0.13
N ALA A 126 4.07 -16.47 0.58
CA ALA A 126 3.46 -16.90 1.82
C ALA A 126 2.54 -18.09 1.61
N LEU A 127 1.75 -18.07 0.54
CA LEU A 127 0.85 -19.19 0.23
C LEU A 127 1.64 -20.43 -0.16
N ASN A 128 2.75 -20.25 -0.90
CA ASN A 128 3.58 -21.39 -1.29
C ASN A 128 4.21 -22.07 -0.08
N ILE A 129 4.75 -21.27 0.85
CA ILE A 129 5.32 -21.83 2.07
C ILE A 129 4.22 -22.41 2.95
N MET A 130 3.04 -21.78 2.92
CA MET A 130 1.89 -22.20 3.72
C MET A 130 1.40 -23.57 3.29
N ASN A 131 1.35 -23.81 1.97
CA ASN A 131 0.95 -25.10 1.42
C ASN A 131 2.08 -26.10 1.39
N ASP A 132 3.32 -25.66 1.60
CA ASP A 132 4.45 -26.59 1.73
C ASP A 132 4.36 -27.45 2.98
N GLY A 133 3.63 -27.02 4.00
CA GLY A 133 3.51 -27.76 5.24
C GLY A 133 3.81 -26.97 6.50
N ASN A 134 4.09 -25.67 6.38
CA ASN A 134 4.44 -24.81 7.51
C ASN A 134 3.26 -23.87 7.74
N ASP A 135 2.33 -24.31 8.59
CA ASP A 135 1.09 -23.57 8.83
C ASP A 135 0.96 -23.13 10.29
N TRP A 136 2.08 -22.82 10.93
CA TRP A 136 2.11 -22.17 12.24
C TRP A 136 2.91 -20.89 12.07
N ILE A 137 2.25 -19.75 12.24
CA ILE A 137 2.79 -18.46 11.84
C ILE A 137 3.32 -17.74 13.07
N VAL A 138 4.59 -17.33 13.01
CA VAL A 138 5.17 -16.48 14.03
C VAL A 138 5.08 -15.06 13.49
N ASP A 139 3.99 -14.37 13.84
CA ASP A 139 3.83 -12.98 13.45
C ASP A 139 4.72 -12.11 14.33
N ILE A 140 5.53 -11.26 13.70
CA ILE A 140 6.48 -10.40 14.38
C ILE A 140 6.10 -8.95 14.11
N ASP A 141 5.92 -8.17 15.18
CA ASP A 141 5.60 -6.75 15.06
C ASP A 141 6.71 -5.98 15.75
N LEU A 142 7.45 -5.19 14.98
CA LEU A 142 8.55 -4.40 15.50
C LEU A 142 8.03 -3.04 15.96
N GLU A 143 8.41 -2.67 17.18
CA GLU A 143 7.85 -1.46 17.80
C GLU A 143 8.61 -0.23 17.33
N LYS A 144 7.92 0.61 16.54
CA LYS A 144 8.35 1.96 16.15
C LYS A 144 9.73 1.97 15.51
N PHE A 145 9.82 1.41 14.30
CA PHE A 145 11.07 0.87 13.75
C PHE A 145 12.20 1.89 13.68
N PHE A 146 11.95 3.04 13.07
CA PHE A 146 13.04 3.97 12.82
C PHE A 146 13.39 4.82 14.03
N ASP A 147 12.56 4.80 15.08
CA ASP A 147 12.84 5.53 16.30
C ASP A 147 13.59 4.69 17.33
N THR A 148 13.80 3.40 17.06
CA THR A 148 14.46 2.52 18.01
C THR A 148 15.79 1.98 17.52
N VAL A 149 16.13 2.18 16.24
CA VAL A 149 17.40 1.69 15.72
C VAL A 149 18.52 2.60 16.20
N ASN A 150 19.55 1.99 16.80
CA ASN A 150 20.75 2.72 17.19
C ASN A 150 21.48 3.12 15.92
N HIS A 151 21.84 4.40 15.81
CA HIS A 151 22.41 4.93 14.57
C HIS A 151 23.82 4.42 14.34
N ASP A 152 24.55 4.12 15.41
CA ASP A 152 25.96 3.76 15.26
C ASP A 152 26.10 2.35 14.71
N LYS A 153 25.29 1.41 15.21
CA LYS A 153 25.30 0.03 14.70
C LYS A 153 24.82 -0.03 13.26
N LEU A 154 23.76 0.72 12.94
CA LEU A 154 23.27 0.79 11.57
C LEU A 154 24.31 1.40 10.63
N MET A 155 25.03 2.41 11.12
CA MET A 155 25.99 3.10 10.27
C MET A 155 27.24 2.26 10.03
N THR A 156 27.67 1.48 11.04
CA THR A 156 28.81 0.61 10.77
C THR A 156 28.38 -0.60 9.94
N LEU A 157 27.09 -0.99 10.05
CA LEU A 157 26.54 -2.01 9.16
C LEU A 157 26.56 -1.56 7.71
N ILE A 158 26.26 -0.29 7.46
CA ILE A 158 26.49 0.29 6.15
C ILE A 158 27.98 0.29 5.83
N GLY A 159 28.81 0.60 6.83
CA GLY A 159 30.22 0.79 6.58
C GLY A 159 31.01 -0.49 6.37
N ARG A 160 30.36 -1.65 6.53
CA ARG A 160 31.02 -2.90 6.16
C ARG A 160 31.26 -2.99 4.65
N THR A 161 30.31 -2.53 3.85
CA THR A 161 30.42 -2.70 2.40
C THR A 161 30.40 -1.40 1.62
N ILE A 162 30.21 -0.25 2.27
CA ILE A 162 30.02 1.02 1.57
C ILE A 162 31.18 1.95 1.89
N LYS A 163 31.78 2.51 0.83
CA LYS A 163 32.91 3.41 0.96
C LYS A 163 32.51 4.80 1.46
N ASP A 164 31.23 5.15 1.39
CA ASP A 164 30.74 6.49 1.67
C ASP A 164 29.92 6.52 2.95
N GLY A 165 30.24 7.47 3.83
CA GLY A 165 29.51 7.64 5.07
C GLY A 165 28.88 9.00 5.29
N ASP A 166 28.40 9.65 4.23
CA ASP A 166 27.82 10.98 4.38
C ASP A 166 26.39 10.89 4.91
N VAL A 167 25.78 9.71 4.84
CA VAL A 167 24.39 9.47 5.25
C VAL A 167 24.18 9.61 6.75
N ILE A 168 25.28 9.63 7.52
CA ILE A 168 25.22 9.80 8.98
C ILE A 168 24.66 11.17 9.36
N SER A 169 24.83 12.18 8.50
CA SER A 169 24.28 13.50 8.79
C SER A 169 22.76 13.49 8.70
N ILE A 170 22.22 12.85 7.65
CA ILE A 170 20.77 12.71 7.50
C ILE A 170 20.21 11.84 8.62
N VAL A 171 20.88 10.72 8.91
CA VAL A 171 20.42 9.76 9.92
C VAL A 171 20.41 10.41 11.31
N ARG A 172 21.46 11.15 11.65
CA ARG A 172 21.53 11.91 12.89
C ARG A 172 20.48 13.00 12.96
N LYS A 173 20.55 13.98 12.07
CA LYS A 173 19.78 15.20 12.24
C LYS A 173 18.47 15.20 11.44
N TYR A 174 17.89 14.02 11.19
CA TYR A 174 16.48 13.98 10.85
C TYR A 174 15.64 13.13 11.81
N LEU A 175 16.27 12.37 12.71
CA LEU A 175 15.51 11.63 13.70
C LEU A 175 15.41 12.35 15.03
N VAL A 176 16.53 12.85 15.57
CA VAL A 176 16.53 13.51 16.87
C VAL A 176 16.42 15.01 16.69
N SER A 177 16.15 15.44 15.46
CA SER A 177 15.96 16.86 15.17
C SER A 177 14.60 17.33 15.68
N GLY A 195 9.70 10.22 6.20
CA GLY A 195 10.97 10.37 5.51
C GLY A 195 10.82 10.53 4.00
N GLY A 196 11.93 10.34 3.29
CA GLY A 196 11.96 10.47 1.84
C GLY A 196 12.02 9.12 1.16
N ASN A 197 13.07 8.93 0.35
CA ASN A 197 13.26 7.67 -0.38
C ASN A 197 14.60 7.02 -0.05
N LEU A 198 15.25 7.46 1.03
CA LEU A 198 16.42 6.78 1.54
C LEU A 198 16.12 5.93 2.77
N SER A 199 15.19 6.37 3.61
CA SER A 199 14.82 5.64 4.82
C SER A 199 14.29 4.22 4.61
N PRO A 200 13.40 3.91 3.62
CA PRO A 200 13.05 2.50 3.40
C PRO A 200 14.22 1.61 3.00
N LEU A 201 15.17 2.17 2.24
CA LEU A 201 16.36 1.42 1.88
C LEU A 201 17.21 1.10 3.11
N LEU A 202 17.37 2.07 4.02
CA LEU A 202 18.12 1.85 5.25
C LEU A 202 17.40 0.87 6.17
N ALA A 203 16.07 0.89 6.15
CA ALA A 203 15.28 -0.13 6.85
C ALA A 203 15.57 -1.52 6.31
N ASN A 204 15.71 -1.63 4.98
CA ASN A 204 16.04 -2.91 4.37
C ASN A 204 17.46 -3.36 4.71
N ILE A 205 18.44 -2.44 4.80
CA ILE A 205 19.77 -2.85 5.26
C ILE A 205 19.72 -3.34 6.70
N MET A 206 19.01 -2.62 7.59
CA MET A 206 18.92 -3.01 8.99
C MET A 206 18.22 -4.35 9.19
N LEU A 207 17.23 -4.67 8.37
CA LEU A 207 16.57 -5.97 8.46
C LEU A 207 17.23 -7.05 7.60
N ASN A 208 18.21 -6.70 6.78
CA ASN A 208 18.93 -7.73 6.01
C ASN A 208 19.75 -8.63 6.92
N GLU A 209 20.25 -8.11 8.04
CA GLU A 209 20.93 -8.94 9.03
C GLU A 209 19.96 -9.95 9.65
N LEU A 210 18.72 -9.51 9.92
CA LEU A 210 17.69 -10.41 10.40
C LEU A 210 17.37 -11.49 9.37
N ASP A 211 17.29 -11.10 8.10
CA ASP A 211 17.02 -12.06 7.03
C ASP A 211 18.15 -13.07 6.87
N LYS A 212 19.40 -12.61 7.03
CA LYS A 212 20.54 -13.53 6.99
C LYS A 212 20.52 -14.49 8.17
N GLU A 213 20.10 -14.02 9.35
CA GLU A 213 19.96 -14.93 10.49
C GLU A 213 18.85 -15.94 10.28
N MET A 214 17.74 -15.53 9.65
CA MET A 214 16.65 -16.44 9.32
C MET A 214 17.08 -17.51 8.32
N GLU A 215 17.87 -17.14 7.31
CA GLU A 215 18.38 -18.15 6.39
C GLU A 215 19.41 -19.04 7.07
N LYS A 216 20.16 -18.48 8.04
CA LYS A 216 21.11 -19.27 8.82
C LYS A 216 20.42 -20.33 9.67
N ARG A 217 19.32 -19.97 10.31
CA ARG A 217 18.58 -20.93 11.13
C ARG A 217 17.66 -21.83 10.31
N GLY A 218 17.56 -21.62 9.01
CA GLY A 218 16.73 -22.47 8.16
C GLY A 218 15.24 -22.26 8.31
N LEU A 219 14.83 -21.07 8.73
CA LEU A 219 13.42 -20.74 8.86
C LEU A 219 12.89 -20.14 7.56
N ASN A 220 11.65 -20.48 7.25
CA ASN A 220 10.96 -19.91 6.10
C ASN A 220 10.16 -18.70 6.55
N PHE A 221 10.16 -17.65 5.74
CA PHE A 221 9.54 -16.41 6.12
C PHE A 221 9.20 -15.61 4.87
N VAL A 222 8.29 -14.65 5.02
CA VAL A 222 8.15 -13.57 4.05
C VAL A 222 8.19 -12.24 4.78
N ARG A 223 8.81 -11.25 4.14
CA ARG A 223 9.12 -9.98 4.79
C ARG A 223 8.83 -8.83 3.83
N TYR A 224 7.72 -8.13 4.05
CA TYR A 224 7.66 -6.74 3.64
C TYR A 224 8.43 -5.93 4.68
N ALA A 225 8.83 -4.71 4.32
CA ALA A 225 9.73 -3.96 5.18
C ALA A 225 9.07 -3.59 6.51
N ASP A 226 9.69 -4.04 7.61
CA ASP A 226 9.20 -4.03 9.02
C ASP A 226 7.85 -4.74 9.20
N ASP A 227 7.49 -5.64 8.29
CA ASP A 227 6.26 -6.45 8.34
C ASP A 227 6.66 -7.85 7.92
N CYS A 228 7.14 -8.65 8.87
CA CYS A 228 7.68 -9.97 8.57
C CYS A 228 6.92 -11.04 9.32
N ILE A 229 6.73 -12.19 8.67
CA ILE A 229 6.10 -13.34 9.32
C ILE A 229 6.89 -14.61 8.99
N ILE A 230 7.07 -15.43 10.03
CA ILE A 230 7.81 -16.69 9.98
C ILE A 230 6.78 -17.81 9.89
N MET A 231 7.03 -18.81 9.05
CA MET A 231 6.15 -19.98 8.96
C MET A 231 6.92 -21.22 9.36
N VAL A 232 6.42 -21.92 10.37
CA VAL A 232 7.04 -23.14 10.87
C VAL A 232 5.98 -24.23 11.04
N GLY A 233 6.40 -25.40 11.51
CA GLY A 233 5.54 -26.57 11.44
C GLY A 233 4.70 -26.96 12.65
N SER A 234 5.02 -26.47 13.85
CA SER A 234 4.25 -26.85 15.02
C SER A 234 4.14 -25.68 15.98
N GLU A 235 3.23 -25.84 16.94
CA GLU A 235 2.90 -24.80 17.92
C GLU A 235 4.13 -24.46 18.78
N MET A 236 4.70 -25.46 19.43
CA MET A 236 5.76 -25.20 20.41
C MET A 236 7.08 -24.85 19.73
N SER A 237 7.28 -25.34 18.50
CA SER A 237 8.36 -24.83 17.67
C SER A 237 8.14 -23.37 17.28
N ALA A 238 6.89 -22.97 17.05
CA ALA A 238 6.62 -21.56 16.75
C ALA A 238 6.86 -20.69 17.98
N ASN A 239 6.56 -21.20 19.17
CA ASN A 239 6.86 -20.45 20.39
C ASN A 239 8.36 -20.33 20.62
N ARG A 240 9.10 -21.41 20.34
CA ARG A 240 10.56 -21.38 20.44
C ARG A 240 11.16 -20.41 19.43
N VAL A 241 10.63 -20.40 18.21
CA VAL A 241 11.10 -19.49 17.17
C VAL A 241 10.77 -18.04 17.54
N MET A 242 9.58 -17.81 18.10
CA MET A 242 9.20 -16.47 18.55
C MET A 242 10.13 -15.96 19.64
N ARG A 243 10.42 -16.81 20.65
CA ARG A 243 11.30 -16.42 21.74
C ARG A 243 12.73 -16.17 21.25
N ASN A 244 13.24 -17.05 20.39
CA ASN A 244 14.62 -16.91 19.93
C ASN A 244 14.78 -15.74 18.97
N ILE A 245 13.78 -15.49 18.13
CA ILE A 245 13.92 -14.39 17.18
C ILE A 245 13.66 -13.05 17.87
N SER A 246 12.86 -13.01 18.95
CA SER A 246 12.76 -11.77 19.72
C SER A 246 14.02 -11.53 20.51
N ARG A 247 14.66 -12.61 20.99
CA ARG A 247 15.96 -12.51 21.64
C ARG A 247 17.02 -11.98 20.69
N PHE A 248 17.03 -12.46 19.44
CA PHE A 248 18.00 -12.01 18.45
C PHE A 248 17.77 -10.56 18.06
N ILE A 249 16.51 -10.17 17.85
CA ILE A 249 16.19 -8.80 17.46
C ILE A 249 16.54 -7.83 18.58
N GLU A 250 16.27 -8.19 19.83
CA GLU A 250 16.56 -7.26 20.93
C GLU A 250 18.05 -7.16 21.24
N GLU A 251 18.78 -8.28 21.24
CA GLU A 251 20.20 -8.21 21.57
C GLU A 251 21.04 -7.86 20.35
N LYS A 252 21.06 -8.73 19.34
CA LYS A 252 22.06 -8.64 18.29
C LYS A 252 21.67 -7.75 17.14
N LEU A 253 20.54 -7.05 17.23
CA LEU A 253 20.17 -6.07 16.22
C LEU A 253 20.01 -4.67 16.81
N GLY A 254 19.38 -4.54 17.97
CA GLY A 254 19.23 -3.25 18.60
C GLY A 254 17.88 -2.61 18.42
N LEU A 255 16.83 -3.39 18.23
CA LEU A 255 15.46 -2.89 18.15
C LEU A 255 14.56 -3.75 19.01
N LYS A 256 13.46 -3.18 19.47
CA LYS A 256 12.57 -3.86 20.41
C LYS A 256 11.35 -4.44 19.69
N VAL A 257 11.00 -5.67 20.05
CA VAL A 257 9.83 -6.34 19.51
C VAL A 257 8.61 -5.89 20.31
N ASN A 258 7.57 -5.46 19.62
CA ASN A 258 6.33 -5.10 20.30
C ASN A 258 5.63 -6.38 20.73
N MET A 259 5.77 -6.75 22.00
CA MET A 259 5.29 -8.05 22.48
C MET A 259 3.77 -8.12 22.58
N THR A 260 3.07 -6.99 22.54
CA THR A 260 1.62 -6.99 22.62
C THR A 260 0.94 -7.34 21.30
N LYS A 261 1.62 -7.18 20.16
CA LYS A 261 1.05 -7.58 18.88
C LYS A 261 1.88 -8.61 18.12
N SER A 262 2.90 -9.19 18.74
CA SER A 262 3.62 -10.32 18.17
C SER A 262 2.97 -11.59 18.67
N LYS A 263 2.25 -12.28 17.78
CA LYS A 263 1.34 -13.36 18.17
C LYS A 263 1.61 -14.60 17.34
N VAL A 264 1.64 -15.76 17.99
CA VAL A 264 1.75 -17.03 17.27
C VAL A 264 0.37 -17.40 16.77
N ASP A 265 0.17 -17.38 15.46
CA ASP A 265 -1.12 -17.59 14.84
C ASP A 265 -1.11 -18.85 13.99
N ARG A 266 -2.28 -19.12 13.40
CA ARG A 266 -2.54 -19.95 12.23
C ARG A 266 -2.84 -19.05 11.04
N PRO A 267 -2.74 -19.54 9.81
CA PRO A 267 -3.24 -18.75 8.67
C PRO A 267 -4.75 -18.76 8.52
N SER A 268 -5.46 -18.44 9.59
CA SER A 268 -6.89 -18.16 9.55
C SER A 268 -7.25 -16.92 10.35
N GLY A 269 -6.34 -16.43 11.19
CA GLY A 269 -6.57 -15.23 11.98
C GLY A 269 -5.44 -14.24 11.82
N LEU A 270 -4.81 -14.28 10.65
CA LEU A 270 -3.67 -13.42 10.33
C LEU A 270 -4.08 -12.36 9.32
N LYS A 271 -3.70 -11.11 9.60
CA LYS A 271 -3.83 -10.02 8.64
C LYS A 271 -2.43 -9.59 8.25
N TYR A 272 -2.05 -9.90 7.01
CA TYR A 272 -0.70 -9.61 6.50
C TYR A 272 -0.85 -8.85 5.20
N LEU A 273 -0.40 -7.60 5.19
CA LEU A 273 -0.40 -6.69 4.04
C LEU A 273 -1.80 -6.48 3.46
N GLY A 274 -2.82 -6.48 4.31
CA GLY A 274 -4.19 -6.36 3.88
C GLY A 274 -4.87 -7.66 3.53
N PHE A 275 -4.13 -8.76 3.48
CA PHE A 275 -4.65 -10.07 3.12
C PHE A 275 -4.86 -10.92 4.35
N GLY A 276 -6.08 -11.40 4.53
CA GLY A 276 -6.34 -12.49 5.43
C GLY A 276 -6.15 -13.80 4.70
N PHE A 277 -6.08 -14.89 5.46
CA PHE A 277 -5.85 -16.21 4.89
C PHE A 277 -6.89 -17.18 5.41
N TYR A 278 -7.14 -18.23 4.64
CA TYR A 278 -8.07 -19.26 5.05
C TYR A 278 -7.66 -20.58 4.43
N PHE A 279 -8.30 -21.66 4.86
CA PHE A 279 -8.07 -22.99 4.32
C PHE A 279 -9.28 -23.39 3.47
N ASP A 280 -9.02 -23.71 2.22
CA ASP A 280 -9.97 -24.23 1.25
C ASP A 280 -10.22 -25.70 1.54
N PRO A 281 -11.43 -26.22 1.27
CA PRO A 281 -11.61 -27.68 1.25
C PRO A 281 -10.98 -28.39 0.05
N ARG A 282 -10.24 -27.70 -0.82
CA ARG A 282 -9.34 -28.37 -1.74
C ARG A 282 -8.17 -28.98 -0.94
N ALA A 283 -7.40 -29.84 -1.62
CA ALA A 283 -6.52 -30.86 -1.06
C ALA A 283 -5.64 -30.42 0.11
N HIS A 284 -4.73 -29.47 -0.12
CA HIS A 284 -3.99 -28.84 0.96
C HIS A 284 -3.74 -27.36 0.68
N GLN A 285 -4.64 -26.71 -0.04
CA GLN A 285 -4.41 -25.36 -0.54
C GLN A 285 -4.94 -24.34 0.46
N PHE A 286 -4.03 -23.60 1.09
CA PHE A 286 -4.41 -22.37 1.77
C PHE A 286 -4.58 -21.27 0.73
N LYS A 287 -5.59 -20.42 0.93
CA LYS A 287 -5.89 -19.38 -0.03
C LYS A 287 -5.90 -18.03 0.67
N ALA A 288 -5.47 -17.02 -0.06
CA ALA A 288 -5.54 -15.65 0.41
C ALA A 288 -6.94 -15.10 0.18
N LYS A 289 -7.23 -13.98 0.83
CA LYS A 289 -8.46 -13.23 0.65
C LYS A 289 -8.18 -11.84 1.19
N PRO A 290 -8.95 -10.82 0.79
CA PRO A 290 -8.84 -9.53 1.49
C PRO A 290 -9.35 -9.63 2.91
N HIS A 291 -8.60 -9.07 3.84
CA HIS A 291 -9.00 -9.10 5.24
C HIS A 291 -10.22 -8.21 5.44
N ALA A 292 -10.97 -8.49 6.52
CA ALA A 292 -12.22 -7.79 6.77
C ALA A 292 -11.99 -6.32 7.09
N LYS A 293 -10.81 -5.96 7.59
CA LYS A 293 -10.47 -4.56 7.79
C LYS A 293 -10.04 -3.87 6.51
N SER A 294 -9.79 -4.61 5.43
CA SER A 294 -9.59 -4.01 4.11
C SER A 294 -10.91 -3.88 3.36
N VAL A 295 -11.80 -4.87 3.49
CA VAL A 295 -13.14 -4.76 2.93
C VAL A 295 -13.92 -3.65 3.63
N ALA A 296 -13.70 -3.45 4.93
CA ALA A 296 -14.34 -2.34 5.63
C ALA A 296 -13.86 -0.99 5.13
N LYS A 297 -12.57 -0.86 4.82
CA LYS A 297 -12.04 0.38 4.26
C LYS A 297 -12.58 0.61 2.86
N PHE A 298 -12.70 -0.44 2.06
CA PHE A 298 -13.29 -0.31 0.73
C PHE A 298 -14.76 0.08 0.80
N LYS A 299 -15.50 -0.50 1.75
CA LYS A 299 -16.92 -0.16 1.88
C LYS A 299 -17.11 1.26 2.39
N LYS A 300 -16.22 1.72 3.26
CA LYS A 300 -16.27 3.11 3.72
C LYS A 300 -15.99 4.07 2.57
N ARG A 301 -14.99 3.76 1.73
CA ARG A 301 -14.68 4.63 0.60
C ARG A 301 -15.76 4.57 -0.47
N MET A 302 -16.40 3.40 -0.64
CA MET A 302 -17.51 3.28 -1.57
C MET A 302 -18.73 4.08 -1.10
N LYS A 303 -19.04 4.02 0.20
CA LYS A 303 -20.14 4.79 0.76
C LYS A 303 -19.86 6.29 0.71
N GLU A 304 -18.59 6.68 0.80
CA GLU A 304 -18.26 8.09 0.60
C GLU A 304 -18.39 8.49 -0.87
N LEU A 305 -17.99 7.62 -1.79
CA LEU A 305 -18.03 7.98 -3.20
C LEU A 305 -19.44 7.92 -3.76
N THR A 306 -20.34 7.19 -3.12
CA THR A 306 -21.74 7.12 -3.54
C THR A 306 -22.67 7.67 -2.46
N CYS A 307 -22.30 8.78 -1.85
CA CYS A 307 -23.23 9.52 -1.02
C CYS A 307 -24.26 10.19 -1.91
N ARG A 308 -25.54 10.04 -1.58
CA ARG A 308 -26.58 10.52 -2.47
C ARG A 308 -26.67 12.04 -2.45
N SER A 309 -26.33 12.67 -1.33
CA SER A 309 -26.22 14.12 -1.26
C SER A 309 -24.77 14.56 -1.41
N TRP A 310 -24.16 14.15 -2.53
CA TRP A 310 -22.85 14.63 -2.93
C TRP A 310 -23.05 15.36 -4.24
N GLY A 311 -22.85 16.68 -4.22
CA GLY A 311 -23.22 17.52 -5.35
C GLY A 311 -22.30 17.47 -6.55
N VAL A 312 -22.05 16.28 -7.07
CA VAL A 312 -21.34 16.08 -8.32
C VAL A 312 -22.23 15.22 -9.20
N SER A 313 -21.90 15.15 -10.49
CA SER A 313 -22.69 14.36 -11.41
C SER A 313 -22.48 12.87 -11.13
N ASN A 314 -23.47 12.07 -11.51
CA ASN A 314 -23.36 10.63 -11.36
C ASN A 314 -22.33 10.02 -12.30
N SER A 315 -22.00 10.71 -13.39
CA SER A 315 -20.85 10.32 -14.20
C SER A 315 -19.56 10.47 -13.42
N TYR A 316 -19.45 11.53 -12.61
CA TYR A 316 -18.27 11.73 -11.78
C TYR A 316 -18.20 10.72 -10.64
N LYS A 317 -19.35 10.40 -10.03
CA LYS A 317 -19.41 9.36 -9.01
C LYS A 317 -19.01 8.01 -9.59
N VAL A 318 -19.50 7.70 -10.79
CA VAL A 318 -19.14 6.47 -11.48
C VAL A 318 -17.65 6.45 -11.84
N GLU A 319 -17.09 7.61 -12.21
CA GLU A 319 -15.67 7.70 -12.56
C GLU A 319 -14.78 7.45 -11.35
N LYS A 320 -15.05 8.12 -10.23
CA LYS A 320 -14.26 7.91 -9.03
C LYS A 320 -14.49 6.53 -8.44
N LEU A 321 -15.70 5.99 -8.57
CA LEU A 321 -15.98 4.63 -8.11
C LEU A 321 -15.27 3.60 -8.96
N ASN A 322 -15.16 3.84 -10.27
CA ASN A 322 -14.40 2.97 -11.14
C ASN A 322 -12.91 3.03 -10.82
N GLN A 323 -12.41 4.23 -10.47
CA GLN A 323 -11.02 4.34 -10.04
C GLN A 323 -10.77 3.56 -8.75
N LEU A 324 -11.67 3.66 -7.79
CA LEU A 324 -11.52 2.94 -6.52
C LEU A 324 -11.65 1.43 -6.72
N ILE A 325 -12.60 1.00 -7.54
CA ILE A 325 -12.80 -0.43 -7.84
C ILE A 325 -11.59 -0.98 -8.56
N ARG A 326 -11.10 -0.24 -9.56
CA ARG A 326 -9.98 -0.68 -10.37
C ARG A 326 -8.67 -0.65 -9.62
N GLY A 327 -8.55 0.18 -8.58
CA GLY A 327 -7.37 0.16 -7.75
C GLY A 327 -7.45 -0.87 -6.63
N TRP A 328 -8.66 -1.28 -6.27
CA TRP A 328 -8.80 -2.23 -5.18
C TRP A 328 -8.83 -3.67 -5.68
N ILE A 329 -9.21 -3.90 -6.94
CA ILE A 329 -9.24 -5.27 -7.45
C ILE A 329 -7.82 -5.77 -7.72
N ASN A 330 -7.03 -5.02 -8.50
CA ASN A 330 -5.75 -5.55 -8.96
C ASN A 330 -4.66 -5.54 -7.90
N TYR A 331 -4.93 -5.01 -6.71
CA TYR A 331 -4.08 -5.31 -5.57
C TYR A 331 -4.47 -6.61 -4.89
N PHE A 332 -5.77 -6.89 -4.79
CA PHE A 332 -6.26 -8.15 -4.25
C PHE A 332 -6.64 -9.14 -5.34
N LYS A 333 -6.04 -9.05 -6.53
CA LYS A 333 -6.42 -9.93 -7.63
C LYS A 333 -6.00 -11.37 -7.37
N ILE A 334 -4.99 -11.58 -6.53
CA ILE A 334 -4.76 -12.90 -5.98
C ILE A 334 -5.66 -13.11 -4.77
N GLY A 335 -6.10 -14.35 -4.59
CA GLY A 335 -7.07 -14.64 -3.57
C GLY A 335 -8.50 -14.64 -4.11
N SER A 336 -9.42 -15.09 -3.25
CA SER A 336 -10.78 -15.40 -3.68
C SER A 336 -11.73 -14.28 -3.26
N MET A 337 -12.32 -13.60 -4.25
CA MET A 337 -13.36 -12.62 -4.03
C MET A 337 -14.52 -12.82 -5.00
N LYS A 338 -15.03 -14.03 -5.14
CA LYS A 338 -16.18 -14.23 -6.04
C LYS A 338 -17.45 -13.70 -5.39
N THR A 339 -17.83 -14.27 -4.24
CA THR A 339 -19.03 -13.85 -3.54
C THR A 339 -18.88 -12.45 -2.96
N LEU A 340 -17.66 -12.05 -2.59
CA LEU A 340 -17.43 -10.70 -2.10
C LEU A 340 -17.65 -9.67 -3.19
N CYS A 341 -17.19 -9.95 -4.42
CA CYS A 341 -17.43 -9.02 -5.51
C CYS A 341 -18.90 -9.01 -5.91
N LYS A 342 -19.59 -10.14 -5.79
CA LYS A 342 -21.03 -10.16 -6.06
C LYS A 342 -21.80 -9.29 -5.08
N GLU A 343 -21.50 -9.43 -3.78
CA GLU A 343 -22.16 -8.64 -2.75
C GLU A 343 -21.82 -7.16 -2.87
N LEU A 344 -20.55 -6.85 -3.15
CA LEU A 344 -20.14 -5.46 -3.29
C LEU A 344 -20.69 -4.82 -4.54
N ASP A 345 -20.82 -5.58 -5.65
CA ASP A 345 -21.46 -5.06 -6.85
C ASP A 345 -22.93 -4.76 -6.60
N SER A 346 -23.61 -5.65 -5.88
CA SER A 346 -25.02 -5.42 -5.54
C SER A 346 -25.20 -4.18 -4.67
N ARG A 347 -24.32 -4.01 -3.67
CA ARG A 347 -24.39 -2.83 -2.81
C ARG A 347 -24.05 -1.56 -3.56
N ILE A 348 -23.07 -1.62 -4.47
CA ILE A 348 -22.68 -0.47 -5.28
C ILE A 348 -23.81 -0.05 -6.19
N ARG A 349 -24.50 -1.02 -6.81
CA ARG A 349 -25.61 -0.69 -7.71
C ARG A 349 -26.81 -0.15 -6.94
N TYR A 350 -27.03 -0.64 -5.71
CA TYR A 350 -28.10 -0.11 -4.87
C TYR A 350 -27.83 1.34 -4.48
N ARG A 351 -26.59 1.65 -4.08
CA ARG A 351 -26.24 3.02 -3.72
C ARG A 351 -26.25 3.94 -4.94
N LEU A 352 -25.91 3.43 -6.11
CA LEU A 352 -25.98 4.27 -7.31
C LEU A 352 -27.41 4.54 -7.74
N ARG A 353 -28.31 3.55 -7.55
CA ARG A 353 -29.73 3.81 -7.78
C ARG A 353 -30.27 4.87 -6.83
N MET A 354 -29.84 4.81 -5.57
CA MET A 354 -30.23 5.84 -4.60
C MET A 354 -29.67 7.21 -4.97
N CYS A 355 -28.43 7.26 -5.48
CA CYS A 355 -27.82 8.51 -5.89
C CYS A 355 -28.57 9.13 -7.07
N ILE A 356 -28.90 8.31 -8.07
CA ILE A 356 -29.60 8.81 -9.26
C ILE A 356 -31.00 9.28 -8.90
N TRP A 357 -31.69 8.52 -8.05
CA TRP A 357 -33.05 8.88 -7.65
C TRP A 357 -33.07 10.14 -6.78
N LYS A 358 -32.05 10.33 -5.94
CA LYS A 358 -31.97 11.57 -5.17
C LYS A 358 -31.63 12.75 -6.08
N GLN A 359 -30.81 12.52 -7.11
CA GLN A 359 -30.44 13.61 -8.01
C GLN A 359 -31.58 13.99 -8.94
N TRP A 360 -32.54 13.09 -9.17
CA TRP A 360 -33.70 13.44 -9.98
C TRP A 360 -34.59 14.46 -9.27
N LYS A 361 -34.67 14.37 -7.94
CA LYS A 361 -34.99 15.44 -6.99
C LYS A 361 -36.45 15.92 -6.95
N THR A 362 -37.28 15.54 -7.93
CA THR A 362 -38.68 15.98 -7.92
C THR A 362 -39.54 14.82 -8.42
N PRO A 363 -40.76 14.67 -7.89
CA PRO A 363 -41.65 13.61 -8.38
C PRO A 363 -42.04 13.74 -9.84
N GLN A 364 -42.06 14.96 -10.37
CA GLN A 364 -42.29 15.15 -11.81
C GLN A 364 -41.12 14.61 -12.63
N ASN A 365 -39.89 14.95 -12.24
CA ASN A 365 -38.75 14.44 -12.97
C ASN A 365 -38.48 12.97 -12.69
N GLN A 366 -38.76 12.50 -11.47
CA GLN A 366 -38.65 11.07 -11.19
C GLN A 366 -39.65 10.27 -12.02
N GLU A 367 -40.87 10.78 -12.16
CA GLU A 367 -41.87 10.13 -13.00
C GLU A 367 -41.46 10.17 -14.47
N LYS A 368 -40.96 11.31 -14.95
CA LYS A 368 -40.56 11.43 -16.35
C LYS A 368 -39.39 10.52 -16.70
N ASN A 369 -38.36 10.51 -15.84
CA ASN A 369 -37.19 9.68 -16.09
C ASN A 369 -37.51 8.20 -15.86
N LEU A 370 -38.50 7.89 -15.03
CA LEU A 370 -38.90 6.51 -14.86
C LEU A 370 -39.71 6.01 -16.05
N VAL A 371 -40.55 6.88 -16.64
CA VAL A 371 -41.30 6.51 -17.84
C VAL A 371 -40.36 6.31 -19.02
N LYS A 372 -39.42 7.24 -19.21
CA LYS A 372 -38.59 7.08 -20.40
C LYS A 372 -37.47 6.05 -20.23
N LEU A 373 -37.33 5.41 -19.06
CA LEU A 373 -36.44 4.27 -18.90
C LEU A 373 -37.17 2.93 -18.98
N GLY A 374 -38.48 2.94 -19.23
CA GLY A 374 -39.22 1.72 -19.54
C GLY A 374 -40.51 1.53 -18.78
N ILE A 375 -40.67 2.16 -17.61
CA ILE A 375 -41.81 1.90 -16.74
C ILE A 375 -43.05 2.59 -17.32
N ASP A 376 -44.21 1.96 -17.14
CA ASP A 376 -45.47 2.57 -17.54
C ASP A 376 -45.79 3.76 -16.63
N ARG A 377 -46.62 4.67 -17.15
CA ARG A 377 -46.83 5.96 -16.50
C ARG A 377 -47.60 5.85 -15.19
N ASN A 378 -48.50 4.86 -15.08
CA ASN A 378 -49.25 4.70 -13.83
C ASN A 378 -48.33 4.22 -12.71
N THR A 379 -47.54 3.18 -12.98
CA THR A 379 -46.60 2.67 -11.98
C THR A 379 -45.51 3.68 -11.66
N ALA A 380 -45.02 4.40 -12.67
CA ALA A 380 -43.99 5.41 -12.45
C ALA A 380 -44.53 6.59 -11.65
N ARG A 381 -45.77 7.00 -11.90
CA ARG A 381 -46.36 8.07 -11.11
C ARG A 381 -46.66 7.63 -9.68
N ARG A 382 -47.02 6.36 -9.48
CA ARG A 382 -47.21 5.88 -8.11
C ARG A 382 -45.88 5.78 -7.36
N VAL A 383 -44.82 5.35 -8.03
CA VAL A 383 -43.50 5.24 -7.39
C VAL A 383 -42.89 6.61 -7.14
N ALA A 384 -43.02 7.55 -8.08
CA ALA A 384 -42.35 8.84 -7.97
C ALA A 384 -42.91 9.72 -6.87
N TYR A 385 -44.18 9.54 -6.49
CA TYR A 385 -44.71 10.30 -5.36
C TYR A 385 -44.39 9.66 -4.03
N THR A 386 -43.80 8.47 -4.05
CA THR A 386 -42.86 8.04 -3.01
C THR A 386 -41.45 8.45 -3.40
N GLY A 387 -41.23 9.74 -3.64
CA GLY A 387 -39.92 10.27 -3.95
C GLY A 387 -39.01 10.23 -2.74
N LYS A 388 -39.54 10.68 -1.59
CA LYS A 388 -38.97 10.33 -0.32
C LYS A 388 -39.23 8.85 -0.04
N ARG A 389 -38.65 8.33 1.05
CA ARG A 389 -38.32 6.91 1.22
C ARG A 389 -37.43 6.45 0.07
N ILE A 390 -36.23 7.05 -0.02
CA ILE A 390 -35.33 6.77 -1.12
C ILE A 390 -34.82 5.33 -1.04
N ALA A 391 -34.44 4.88 0.16
CA ALA A 391 -33.85 3.57 0.33
C ALA A 391 -34.86 2.44 0.11
N TYR A 392 -36.12 2.67 0.46
CA TYR A 392 -37.15 1.65 0.20
C TYR A 392 -37.48 1.57 -1.28
N VAL A 393 -37.57 2.73 -1.94
CA VAL A 393 -38.03 2.77 -3.32
C VAL A 393 -36.96 2.27 -4.28
N CYS A 394 -35.69 2.57 -4.00
CA CYS A 394 -34.60 2.09 -4.84
C CYS A 394 -34.24 0.63 -4.58
N ASN A 395 -34.89 -0.02 -3.62
CA ASN A 395 -34.63 -1.39 -3.27
C ASN A 395 -35.35 -2.40 -4.17
N LYS A 396 -36.42 -2.00 -4.85
CA LYS A 396 -37.31 -2.98 -5.45
C LYS A 396 -38.08 -2.36 -6.60
N GLY A 397 -38.57 -3.23 -7.48
CA GLY A 397 -39.59 -2.87 -8.45
C GLY A 397 -39.19 -1.92 -9.58
N ALA A 398 -39.85 -0.76 -9.62
CA ALA A 398 -39.80 0.10 -10.80
C ALA A 398 -38.44 0.76 -10.97
N VAL A 399 -37.82 1.19 -9.86
CA VAL A 399 -36.48 1.75 -9.96
C VAL A 399 -35.44 0.66 -10.17
N ASN A 400 -35.68 -0.54 -9.66
CA ASN A 400 -34.79 -1.66 -9.91
C ASN A 400 -34.84 -2.16 -11.35
N VAL A 401 -35.94 -1.90 -12.05
CA VAL A 401 -36.10 -2.32 -13.44
C VAL A 401 -35.65 -1.19 -14.37
N ALA A 402 -35.98 0.05 -14.00
CA ALA A 402 -35.64 1.20 -14.82
C ALA A 402 -34.14 1.46 -14.81
N ILE A 403 -33.55 1.65 -13.63
CA ILE A 403 -32.10 1.76 -13.51
C ILE A 403 -31.59 0.32 -13.37
N SER A 404 -31.44 -0.34 -14.50
CA SER A 404 -31.12 -1.75 -14.53
C SER A 404 -29.62 -1.95 -14.36
N ASN A 405 -29.18 -3.21 -14.36
CA ASN A 405 -27.76 -3.51 -14.36
C ASN A 405 -27.12 -3.17 -15.70
N LYS A 406 -27.84 -3.39 -16.81
CA LYS A 406 -27.34 -2.98 -18.11
C LYS A 406 -27.39 -1.47 -18.27
N ARG A 407 -28.36 -0.81 -17.65
CA ARG A 407 -28.42 0.65 -17.69
C ARG A 407 -27.29 1.28 -16.88
N LEU A 408 -26.82 0.59 -15.84
CA LEU A 408 -25.71 1.09 -15.05
C LEU A 408 -24.37 0.69 -15.62
N ALA A 409 -24.29 -0.44 -16.33
CA ALA A 409 -23.05 -0.82 -17.00
C ALA A 409 -22.82 0.00 -18.26
N SER A 410 -23.88 0.35 -18.99
CA SER A 410 -23.75 1.27 -20.11
C SER A 410 -23.52 2.70 -19.66
N PHE A 411 -23.86 3.02 -18.41
CA PHE A 411 -23.55 4.31 -17.82
C PHE A 411 -22.06 4.52 -17.58
N GLY A 412 -21.29 3.43 -17.53
CA GLY A 412 -19.85 3.50 -17.31
C GLY A 412 -19.37 2.79 -16.06
N LEU A 413 -20.27 2.26 -15.23
CA LEU A 413 -19.88 1.58 -14.00
C LEU A 413 -19.35 0.20 -14.35
N ILE A 414 -18.06 -0.02 -14.12
CA ILE A 414 -17.49 -1.35 -14.29
C ILE A 414 -17.95 -2.22 -13.13
N SER A 415 -18.14 -3.50 -13.40
CA SER A 415 -18.57 -4.42 -12.37
C SER A 415 -17.36 -5.05 -11.69
N MET A 416 -17.44 -5.20 -10.38
CA MET A 416 -16.34 -5.77 -9.60
C MET A 416 -16.13 -7.24 -9.94
N LEU A 417 -17.22 -7.98 -10.15
CA LEU A 417 -17.11 -9.41 -10.43
C LEU A 417 -16.48 -9.67 -11.79
N ASP A 418 -16.93 -8.94 -12.82
CA ASP A 418 -16.39 -9.16 -14.16
C ASP A 418 -14.95 -8.66 -14.27
N TYR A 419 -14.61 -7.56 -13.58
CA TYR A 419 -13.23 -7.11 -13.58
C TYR A 419 -12.31 -8.07 -12.82
N TYR A 420 -12.82 -8.65 -11.73
CA TYR A 420 -12.03 -9.62 -10.99
C TYR A 420 -11.83 -10.91 -11.80
N ILE A 421 -12.85 -11.32 -12.56
CA ILE A 421 -12.71 -12.48 -13.43
C ILE A 421 -11.74 -12.18 -14.56
N GLU A 422 -11.79 -10.95 -15.10
CA GLU A 422 -10.89 -10.55 -16.18
C GLU A 422 -9.44 -10.52 -15.73
N LYS A 423 -9.18 -10.02 -14.52
CA LYS A 423 -7.80 -9.99 -14.03
C LYS A 423 -7.30 -11.38 -13.63
N CYS A 424 -7.94 -12.00 -12.64
CA CYS A 424 -7.52 -13.33 -12.20
C CYS A 424 -8.74 -14.07 -11.67
N VAL A 425 -9.16 -15.12 -12.38
CA VAL A 425 -10.38 -15.87 -12.05
C VAL A 425 -10.19 -16.68 -10.76
CA CA C . -34.50 31.18 0.11
CA CA D . -37.70 30.31 2.72
CA CA E . -24.35 43.45 -1.23
CA CA F . -29.66 23.51 15.60
CA CA G . -61.70 13.84 19.53
CA CA H . -26.62 3.54 13.80
CA CA I . -55.22 36.08 -1.37
CA CA J . -39.09 28.98 10.58
CA CA K . -69.54 15.64 7.88
CA CA L . -42.70 34.25 -3.85
CA CA M . -46.60 57.04 -19.49
N NH4 N . -32.35 35.74 4.57
N NH4 O . -39.49 38.74 -8.04
#